data_6I3Y
#
_entry.id   6I3Y
#
_cell.length_a   126.000
_cell.length_b   126.000
_cell.length_c   178.320
_cell.angle_alpha   90.00
_cell.angle_beta   90.00
_cell.angle_gamma   120.00
#
_symmetry.space_group_name_H-M   'P 63 2 2'
#
loop_
_entity.id
_entity.type
_entity.pdbx_description
1 polymer 'PRELI domain-containing protein 1, mitochondrial'
2 polymer 'TP53-regulated inhibitor of apoptosis 1'
3 non-polymer DODECYL-BETA-D-MALTOSIDE
4 non-polymer O-[(R)-{[(2R)-2,3-bis(octadecanoyloxy)propyl]oxy}(hydroxy)phosphoryl]-L-serine
5 water water
#
loop_
_entity_poly.entity_id
_entity_poly.type
_entity_poly.pdbx_seq_one_letter_code
_entity_poly.pdbx_strand_id
1 'polypeptide(L)'
;GSSHHHHHHSDQMVKYFLGQSVLRSSWDQVFAAFWQRYPNPYSKHVLTEDIVHREVTPDQKLLSRRLLTVTNRMPRWAER
LFPANVAHSVYVLEDSIVDPQNQTMTTFTWNINHARLMVVEERSVYSVNSDNSGWTEIRREAWVSSSLFGVSRAVQEFGL
ARFKSNVTKTMKGFEYILAKLQGEA
;
C,F
2 'polypeptide(L)'
;MAHHHHHHVDDDDKMNSVGEACTDMKREYDQCFNRWFAEKFLKGDSSGDPCTDLFKRYQQCVQKAIKEKEIPIEGLEFMG
HGKEKPENSS
;
A,H
#
# COMPACT_ATOMS: atom_id res chain seq x y z
N GLN A 12 4.33 12.51 -4.11
CA GLN A 12 3.48 13.71 -3.83
C GLN A 12 3.63 14.11 -2.38
N MET A 13 3.96 15.39 -2.16
CA MET A 13 4.13 16.05 -0.84
C MET A 13 4.22 15.17 0.42
N VAL A 14 3.08 14.64 0.89
CA VAL A 14 3.05 13.74 2.02
C VAL A 14 2.54 12.38 1.57
N LYS A 15 3.28 11.33 1.92
CA LYS A 15 2.89 9.98 1.52
C LYS A 15 1.74 9.48 2.38
N TYR A 16 0.87 8.65 1.82
CA TYR A 16 -0.35 8.22 2.51
C TYR A 16 -0.51 6.72 2.39
N PHE A 17 -0.74 6.06 3.52
CA PHE A 17 -0.81 4.61 3.58
C PHE A 17 -2.15 4.13 4.16
N LEU A 18 -2.75 3.14 3.54
CA LEU A 18 -3.97 2.58 4.04
C LEU A 18 -3.84 1.08 4.10
N GLY A 19 -4.01 0.55 5.31
CA GLY A 19 -3.87 -0.87 5.61
C GLY A 19 -5.07 -1.40 6.38
N GLN A 20 -5.45 -2.65 6.08
CA GLN A 20 -6.49 -3.35 6.80
C GLN A 20 -5.97 -4.72 7.22
N SER A 21 -6.12 -5.04 8.51
CA SER A 21 -5.76 -6.34 9.04
C SER A 21 -6.82 -6.86 10.03
N VAL A 22 -6.81 -8.16 10.29
CA VAL A 22 -7.58 -8.72 11.42
C VAL A 22 -6.75 -9.75 12.14
N LEU A 23 -6.82 -9.69 13.47
CA LEU A 23 -6.23 -10.74 14.28
C LEU A 23 -7.37 -11.47 14.98
N ARG A 24 -7.17 -12.78 15.20
CA ARG A 24 -8.23 -13.73 15.53
C ARG A 24 -8.41 -13.90 17.04
N SER A 25 -9.21 -13.04 17.64
CA SER A 25 -9.45 -13.06 19.06
C SER A 25 -10.53 -12.08 19.38
N SER A 26 -11.31 -12.34 20.42
CA SER A 26 -12.45 -11.51 20.80
C SER A 26 -12.02 -10.06 20.90
N TRP A 27 -12.93 -9.16 20.52
CA TRP A 27 -12.75 -7.75 20.84
C TRP A 27 -12.47 -7.56 22.32
N ASP A 28 -13.19 -8.29 23.18
CA ASP A 28 -12.89 -8.34 24.61
C ASP A 28 -11.39 -8.61 24.86
N GLN A 29 -10.88 -9.68 24.26
CA GLN A 29 -9.53 -10.19 24.57
C GLN A 29 -8.34 -9.36 24.01
N VAL A 30 -8.54 -8.56 22.95
CA VAL A 30 -7.43 -7.73 22.44
C VAL A 30 -7.31 -6.40 23.17
N PHE A 31 -8.44 -5.75 23.47
CA PHE A 31 -8.43 -4.45 24.15
C PHE A 31 -7.66 -4.56 25.47
N ALA A 32 -7.76 -5.71 26.12
CA ALA A 32 -7.03 -5.95 27.35
C ALA A 32 -5.60 -6.36 27.12
N ALA A 33 -5.32 -6.98 25.98
CA ALA A 33 -3.93 -7.27 25.55
C ALA A 33 -3.18 -6.02 25.12
N PHE A 34 -3.94 -5.02 24.68
CA PHE A 34 -3.38 -3.75 24.20
C PHE A 34 -2.46 -3.04 25.18
N TRP A 35 -2.67 -3.26 26.48
CA TRP A 35 -1.82 -2.67 27.49
C TRP A 35 -0.78 -3.63 28.05
N GLN A 36 -0.72 -4.85 27.53
CA GLN A 36 0.17 -5.87 28.07
C GLN A 36 1.17 -6.39 27.04
N ARG A 37 1.42 -5.60 26.01
CA ARG A 37 2.18 -6.11 24.86
C ARG A 37 3.65 -5.94 25.09
N TYR A 38 3.99 -5.08 26.04
CA TYR A 38 5.36 -4.72 26.28
C TYR A 38 5.84 -5.21 27.65
N PRO A 39 6.94 -5.98 27.68
CA PRO A 39 7.74 -6.37 26.53
C PRO A 39 7.11 -7.50 25.79
N ASN A 40 7.70 -7.81 24.64
CA ASN A 40 7.49 -9.06 23.94
C ASN A 40 8.70 -9.22 23.03
N PRO A 41 8.92 -10.43 22.48
CA PRO A 41 10.18 -10.64 21.74
C PRO A 41 10.36 -9.69 20.56
N TYR A 42 9.28 -9.39 19.88
CA TYR A 42 9.37 -8.59 18.66
C TYR A 42 9.62 -7.10 18.96
N SER A 43 9.10 -6.60 20.08
CA SER A 43 9.35 -5.21 20.50
C SER A 43 10.69 -5.03 21.24
N LYS A 44 11.78 -5.53 20.68
CA LYS A 44 13.13 -5.30 21.20
C LYS A 44 13.46 -3.80 21.20
N HIS A 45 12.91 -3.07 20.23
CA HIS A 45 13.22 -1.66 19.98
C HIS A 45 12.50 -0.69 20.91
N VAL A 46 11.48 -1.13 21.63
CA VAL A 46 10.78 -0.24 22.56
C VAL A 46 11.56 -0.27 23.86
N LEU A 47 11.64 0.87 24.55
CA LEU A 47 12.56 1.01 25.70
C LEU A 47 11.82 1.39 26.96
N THR A 48 11.07 2.48 26.92
CA THR A 48 10.17 2.75 28.03
C THR A 48 8.81 2.95 27.46
N GLU A 49 7.82 2.82 28.33
CA GLU A 49 6.44 3.11 28.01
C GLU A 49 5.84 3.71 29.27
N ASP A 50 5.04 4.75 29.13
CA ASP A 50 4.42 5.37 30.29
C ASP A 50 3.01 5.83 29.92
N ILE A 51 2.07 5.72 30.86
CA ILE A 51 0.73 6.26 30.70
C ILE A 51 0.75 7.61 31.39
N VAL A 52 0.77 8.68 30.61
CA VAL A 52 0.99 10.02 31.16
C VAL A 52 -0.31 10.80 31.41
N HIS A 53 -1.42 10.33 30.86
CA HIS A 53 -2.73 10.86 31.22
C HIS A 53 -3.75 9.78 30.89
N ARG A 54 -4.82 9.72 31.69
CA ARG A 54 -5.90 8.74 31.53
C ARG A 54 -7.16 9.18 32.28
N GLU A 55 -8.17 9.64 31.54
CA GLU A 55 -9.45 10.07 32.14
C GLU A 55 -10.55 9.13 31.69
N VAL A 56 -11.74 9.29 32.28
CA VAL A 56 -12.92 8.49 31.91
C VAL A 56 -14.06 9.47 31.68
N THR A 57 -14.78 9.34 30.56
CA THR A 57 -15.80 10.31 30.19
C THR A 57 -17.16 9.99 30.84
N PRO A 58 -18.21 10.79 30.57
CA PRO A 58 -19.55 10.52 31.04
C PRO A 58 -20.27 9.49 30.16
N ASP A 59 -19.72 9.19 28.99
CA ASP A 59 -20.25 8.17 28.10
C ASP A 59 -19.50 6.84 28.28
N GLN A 60 -18.74 6.72 29.38
CA GLN A 60 -17.94 5.53 29.70
C GLN A 60 -16.99 5.16 28.58
N LYS A 61 -15.95 5.97 28.42
CA LYS A 61 -14.89 5.78 27.41
C LYS A 61 -13.56 6.00 28.12
N LEU A 62 -12.53 5.24 27.78
CA LEU A 62 -11.24 5.37 28.45
C LEU A 62 -10.24 6.17 27.61
N LEU A 63 -10.26 7.48 27.76
CA LEU A 63 -9.30 8.38 27.11
C LEU A 63 -7.94 8.18 27.76
N SER A 64 -6.90 7.94 26.98
CA SER A 64 -5.59 7.69 27.55
C SER A 64 -4.44 8.05 26.62
N ARG A 65 -3.44 8.71 27.18
CA ARG A 65 -2.25 9.15 26.46
C ARG A 65 -1.06 8.38 26.98
N ARG A 66 -0.42 7.61 26.11
CA ARG A 66 0.74 6.82 26.46
C ARG A 66 1.94 7.28 25.65
N LEU A 67 2.93 7.89 26.32
CA LEU A 67 4.25 8.17 25.71
C LEU A 67 5.15 6.93 25.81
N LEU A 68 6.07 6.79 24.87
CA LEU A 68 7.02 5.68 24.92
C LEU A 68 8.21 5.88 23.97
N THR A 69 9.41 5.64 24.49
CA THR A 69 10.63 5.96 23.76
C THR A 69 11.04 4.71 23.00
N VAL A 70 11.56 4.91 21.79
CA VAL A 70 11.93 3.86 20.86
C VAL A 70 13.31 4.14 20.35
N THR A 71 14.09 3.09 20.06
CA THR A 71 15.44 3.29 19.56
C THR A 71 15.38 3.81 18.14
N ASN A 72 16.35 4.64 17.78
CA ASN A 72 16.45 5.22 16.46
C ASN A 72 17.37 4.35 15.60
N ARG A 73 16.86 3.95 14.45
CA ARG A 73 17.57 3.10 13.52
C ARG A 73 17.44 3.67 12.13
N MET A 74 18.55 4.29 11.65
CA MET A 74 18.63 4.96 10.35
C MET A 74 19.62 4.26 9.42
N PRO A 75 19.45 4.44 8.10
CA PRO A 75 20.33 3.79 7.13
C PRO A 75 21.61 4.55 6.95
N ARG A 76 22.71 3.85 6.70
CA ARG A 76 24.06 4.45 6.81
C ARG A 76 24.34 5.72 5.94
N TRP A 77 23.37 6.12 5.11
CA TRP A 77 23.47 7.39 4.42
C TRP A 77 22.83 8.52 5.21
N ALA A 78 21.82 8.21 6.00
CA ALA A 78 21.12 9.25 6.72
C ALA A 78 21.95 9.86 7.88
N GLU A 79 22.60 9.03 8.70
CA GLU A 79 23.48 9.57 9.77
C GLU A 79 24.50 10.54 9.18
N ARG A 80 24.96 10.23 7.99
CA ARG A 80 25.95 11.07 7.33
C ARG A 80 25.35 12.45 7.08
N LEU A 81 24.13 12.49 6.53
CA LEU A 81 23.52 13.79 6.21
C LEU A 81 22.86 14.45 7.41
N PHE A 82 22.47 13.64 8.40
CA PHE A 82 21.87 14.16 9.63
C PHE A 82 22.62 13.57 10.81
N PRO A 83 23.83 14.10 11.08
CA PRO A 83 24.51 13.70 12.31
C PRO A 83 23.83 14.29 13.55
N ALA A 84 23.16 15.42 13.39
CA ALA A 84 22.29 16.02 14.40
C ALA A 84 21.54 15.05 15.31
N ASN A 85 20.86 14.09 14.69
CA ASN A 85 19.85 13.26 15.34
C ASN A 85 20.16 11.78 15.12
N VAL A 86 21.28 11.33 15.65
CA VAL A 86 21.64 9.88 15.60
C VAL A 86 21.73 9.27 16.99
N ALA A 87 22.30 9.99 17.95
CA ALA A 87 22.37 9.55 19.34
C ALA A 87 21.21 10.10 20.14
N HIS A 88 20.11 10.42 19.48
CA HIS A 88 18.86 10.72 20.17
C HIS A 88 17.85 9.67 19.75
N SER A 89 17.08 9.19 20.72
CA SER A 89 16.01 8.22 20.46
C SER A 89 14.73 8.99 20.13
N VAL A 90 13.71 8.22 19.75
CA VAL A 90 12.44 8.76 19.30
C VAL A 90 11.39 8.69 20.41
N TYR A 91 10.80 9.82 20.74
CA TYR A 91 9.64 9.86 21.65
C TYR A 91 8.37 9.82 20.82
N VAL A 92 7.54 8.82 21.07
CA VAL A 92 6.30 8.65 20.35
C VAL A 92 5.13 8.72 21.33
N LEU A 93 4.09 9.43 20.93
CA LEU A 93 2.88 9.56 21.72
C LEU A 93 1.73 8.78 21.07
N GLU A 94 0.87 8.20 21.90
CA GLU A 94 -0.26 7.37 21.44
C GLU A 94 -1.48 7.83 22.17
N ASP A 95 -2.54 8.16 21.45
CA ASP A 95 -3.78 8.57 22.07
C ASP A 95 -4.88 7.54 21.80
N SER A 96 -5.40 6.97 22.88
CA SER A 96 -6.28 5.82 22.83
C SER A 96 -7.62 6.23 23.40
N ILE A 97 -8.69 6.07 22.63
CA ILE A 97 -10.07 6.07 23.17
C ILE A 97 -10.67 4.69 22.98
N VAL A 98 -11.19 4.13 24.08
CA VAL A 98 -11.69 2.77 24.13
C VAL A 98 -13.19 2.87 24.36
N ASP A 99 -13.95 2.19 23.51
CA ASP A 99 -15.42 2.17 23.56
C ASP A 99 -15.93 0.72 23.57
N PRO A 100 -16.42 0.23 24.73
CA PRO A 100 -17.05 -1.10 24.75
C PRO A 100 -18.53 -1.09 24.40
N GLN A 101 -19.32 -0.16 24.96
CA GLN A 101 -20.74 0.02 24.54
C GLN A 101 -20.95 -0.16 23.02
N ASN A 102 -19.97 0.28 22.24
CA ASN A 102 -19.91 0.04 20.81
C ASN A 102 -18.85 -1.00 20.38
N GLN A 103 -18.02 -1.44 21.31
CA GLN A 103 -16.97 -2.46 21.10
C GLN A 103 -15.95 -2.01 20.04
N THR A 104 -15.41 -0.83 20.25
CA THR A 104 -14.45 -0.24 19.34
C THR A 104 -13.43 0.63 20.08
N MET A 105 -12.26 0.75 19.47
CA MET A 105 -11.19 1.52 20.06
C MET A 105 -10.40 2.14 18.94
N THR A 106 -10.15 3.44 19.09
CA THR A 106 -9.39 4.19 18.09
C THR A 106 -8.16 4.79 18.73
N THR A 107 -7.03 4.64 18.07
CA THR A 107 -5.77 5.17 18.55
C THR A 107 -5.14 6.08 17.50
N PHE A 108 -4.47 7.12 17.99
CA PHE A 108 -3.69 8.02 17.16
C PHE A 108 -2.28 8.16 17.73
N THR A 109 -1.28 7.93 16.89
CA THR A 109 0.12 7.85 17.34
C THR A 109 1.07 8.60 16.42
N TRP A 110 2.11 9.22 17.00
CA TRP A 110 3.08 10.00 16.22
C TRP A 110 4.28 10.42 17.04
N ASN A 111 5.42 10.56 16.38
CA ASN A 111 6.64 11.05 17.04
C ASN A 111 6.51 12.53 17.37
N ILE A 112 7.11 12.94 18.50
CA ILE A 112 7.13 14.33 18.96
C ILE A 112 8.52 14.99 18.93
N ASN A 113 9.58 14.21 18.76
CA ASN A 113 10.88 14.75 18.38
C ASN A 113 11.29 14.16 17.01
N HIS A 114 12.43 14.58 16.50
CA HIS A 114 12.81 14.34 15.10
C HIS A 114 11.81 14.95 14.11
N ALA A 115 10.98 15.86 14.61
CA ALA A 115 9.94 16.50 13.83
C ALA A 115 10.52 17.12 12.57
N ARG A 116 11.69 17.75 12.70
CA ARG A 116 12.41 18.35 11.57
C ARG A 116 12.34 17.46 10.36
N LEU A 117 12.97 16.30 10.46
CA LEU A 117 13.25 15.52 9.28
C LEU A 117 12.12 14.58 8.90
N MET A 118 11.17 14.34 9.80
CA MET A 118 10.04 13.46 9.49
C MET A 118 8.97 13.48 10.56
N VAL A 119 7.71 13.42 10.16
CA VAL A 119 6.66 13.06 11.12
C VAL A 119 5.77 11.96 10.53
N VAL A 120 5.75 10.81 11.20
CA VAL A 120 4.88 9.72 10.84
C VAL A 120 3.79 9.70 11.89
N GLU A 121 2.56 9.47 11.46
CA GLU A 121 1.43 9.55 12.38
C GLU A 121 0.29 8.64 11.94
N GLU A 122 -0.28 7.86 12.89
CA GLU A 122 -1.23 6.76 12.62
C GLU A 122 -2.52 6.83 13.35
N ARG A 123 -3.62 6.93 12.58
CA ARG A 123 -4.96 6.73 13.13
C ARG A 123 -5.32 5.27 12.90
N SER A 124 -5.38 4.47 13.96
CA SER A 124 -5.90 3.09 13.92
C SER A 124 -7.27 2.99 14.56
N VAL A 125 -8.07 2.06 14.04
CA VAL A 125 -9.39 1.74 14.60
C VAL A 125 -9.46 0.22 14.79
N TYR A 126 -9.91 -0.17 15.97
CA TYR A 126 -10.02 -1.55 16.34
C TYR A 126 -11.49 -1.75 16.61
N SER A 127 -12.07 -2.73 15.91
CA SER A 127 -13.48 -3.11 16.04
C SER A 127 -13.63 -4.60 15.75
N VAL A 128 -14.83 -5.10 16.02
CA VAL A 128 -15.13 -6.53 15.84
C VAL A 128 -15.22 -6.84 14.35
N ASN A 129 -14.67 -7.99 13.94
CA ASN A 129 -14.62 -8.36 12.52
C ASN A 129 -16.05 -8.50 12.00
N SER A 130 -16.28 -8.02 10.79
CA SER A 130 -17.62 -7.91 10.23
C SER A 130 -18.23 -9.28 9.94
N ASP A 131 -17.51 -10.11 9.21
CA ASP A 131 -18.02 -11.43 8.85
C ASP A 131 -17.73 -12.50 9.88
N ASN A 132 -16.90 -12.21 10.88
CA ASN A 132 -16.76 -13.12 12.01
C ASN A 132 -16.81 -12.34 13.32
N SER A 133 -17.61 -12.80 14.27
CA SER A 133 -17.84 -12.04 15.51
C SER A 133 -16.97 -12.51 16.68
N GLY A 134 -16.09 -13.48 16.44
CA GLY A 134 -15.13 -13.88 17.45
C GLY A 134 -13.77 -13.26 17.17
N TRP A 135 -13.72 -12.33 16.22
CA TRP A 135 -12.46 -11.74 15.78
C TRP A 135 -12.55 -10.21 15.77
N THR A 136 -11.47 -9.52 15.41
CA THR A 136 -11.46 -8.05 15.52
C THR A 136 -10.67 -7.40 14.39
N GLU A 137 -11.39 -6.73 13.48
CA GLU A 137 -10.79 -6.05 12.33
C GLU A 137 -10.00 -4.83 12.82
N ILE A 138 -8.98 -4.45 12.05
CA ILE A 138 -8.16 -3.26 12.33
C ILE A 138 -7.91 -2.44 11.09
N ARG A 139 -8.33 -1.17 11.11
CA ARG A 139 -8.05 -0.19 10.05
C ARG A 139 -6.91 0.74 10.49
N ARG A 140 -6.05 1.10 9.55
CA ARG A 140 -4.97 2.08 9.76
C ARG A 140 -4.86 2.99 8.58
N GLU A 141 -4.63 4.29 8.84
CA GLU A 141 -4.23 5.21 7.78
C GLU A 141 -2.99 5.95 8.20
N ALA A 142 -1.99 6.01 7.31
CA ALA A 142 -0.71 6.63 7.60
C ALA A 142 -0.46 7.92 6.82
N TRP A 143 0.33 8.78 7.42
CA TRP A 143 0.77 10.00 6.80
C TRP A 143 2.23 10.14 7.16
N VAL A 144 3.11 9.77 6.24
CA VAL A 144 4.52 10.11 6.39
C VAL A 144 4.79 11.45 5.68
N SER A 145 5.30 12.42 6.42
CA SER A 145 5.72 13.68 5.84
C SER A 145 7.13 14.02 6.31
N SER A 146 7.64 15.17 5.85
CA SER A 146 8.97 15.65 6.23
C SER A 146 9.09 17.13 5.90
N SER A 147 9.44 17.94 6.90
CA SER A 147 9.60 19.40 6.68
C SER A 147 10.69 19.76 5.68
N LEU A 148 11.60 18.80 5.46
CA LEU A 148 12.68 18.86 4.48
C LEU A 148 12.31 19.14 3.02
N PHE A 149 11.04 18.98 2.62
CA PHE A 149 10.59 19.47 1.30
C PHE A 149 10.58 20.99 1.26
N GLY A 150 9.92 21.58 2.24
CA GLY A 150 9.91 23.04 2.36
C GLY A 150 11.31 23.63 2.30
N VAL A 151 12.24 22.95 2.94
CA VAL A 151 13.62 23.38 2.99
C VAL A 151 14.20 23.43 1.59
N SER A 152 14.08 22.32 0.88
CA SER A 152 14.66 22.25 -0.44
C SER A 152 14.03 23.29 -1.37
N ARG A 153 12.77 23.64 -1.13
CA ARG A 153 12.16 24.79 -1.81
C ARG A 153 12.91 26.09 -1.46
N ALA A 154 13.11 26.32 -0.16
CA ALA A 154 13.80 27.53 0.32
C ALA A 154 15.18 27.68 -0.31
N VAL A 155 15.93 26.57 -0.36
CA VAL A 155 17.26 26.57 -0.95
C VAL A 155 17.17 26.88 -2.44
N GLN A 156 16.13 26.36 -3.10
CA GLN A 156 15.92 26.65 -4.51
C GLN A 156 15.52 28.11 -4.75
N GLU A 157 14.59 28.62 -3.96
CA GLU A 157 14.13 30.00 -4.11
C GLU A 157 15.27 31.00 -3.83
N PHE A 158 16.05 30.73 -2.79
CA PHE A 158 17.19 31.58 -2.46
C PHE A 158 18.23 31.58 -3.56
N GLY A 159 18.50 30.40 -4.09
CA GLY A 159 19.47 30.24 -5.15
C GLY A 159 19.13 30.89 -6.47
N LEU A 160 17.83 31.08 -6.79
CA LEU A 160 17.49 31.76 -8.04
C LEU A 160 17.55 33.25 -7.84
N ALA A 161 17.11 33.71 -6.68
CA ALA A 161 17.12 35.14 -6.37
C ALA A 161 18.54 35.68 -6.42
N ARG A 162 19.48 34.89 -5.89
CA ARG A 162 20.88 35.25 -5.96
C ARG A 162 21.35 35.33 -7.41
N PHE A 163 20.95 34.35 -8.18
CA PHE A 163 21.22 34.31 -9.60
C PHE A 163 20.58 35.48 -10.35
N LYS A 164 19.34 35.79 -10.03
CA LYS A 164 18.69 36.91 -10.70
C LYS A 164 19.46 38.23 -10.41
N SER A 165 19.88 38.47 -9.17
CA SER A 165 20.66 39.68 -8.92
C SER A 165 22.00 39.61 -9.60
N ASN A 166 22.64 38.47 -9.47
CA ASN A 166 23.96 38.34 -10.05
C ASN A 166 23.94 38.41 -11.57
N VAL A 167 22.81 38.17 -12.24
CA VAL A 167 22.75 38.45 -13.69
C VAL A 167 22.68 39.96 -13.99
N THR A 168 22.00 40.70 -13.13
CA THR A 168 21.88 42.14 -13.28
C THR A 168 23.26 42.77 -13.14
N LYS A 169 24.04 42.25 -12.20
CA LYS A 169 25.40 42.73 -11.97
C LYS A 169 26.29 42.56 -13.20
N THR A 170 26.11 41.44 -13.89
CA THR A 170 26.87 41.19 -15.09
C THR A 170 26.59 42.25 -16.18
N MET A 171 25.33 42.63 -16.33
CA MET A 171 24.98 43.62 -17.30
C MET A 171 25.58 44.97 -16.91
N LYS A 172 25.47 45.31 -15.63
CA LYS A 172 26.10 46.53 -15.10
C LYS A 172 27.61 46.52 -15.39
N GLY A 173 28.30 45.51 -14.88
CA GLY A 173 29.72 45.33 -15.13
C GLY A 173 30.10 45.19 -16.60
N PHE A 174 29.17 44.67 -17.39
CA PHE A 174 29.43 44.54 -18.82
C PHE A 174 29.31 45.87 -19.52
N GLU A 175 28.21 46.60 -19.25
CA GLU A 175 28.00 47.97 -19.79
C GLU A 175 29.14 48.90 -19.38
N TYR A 176 29.49 48.89 -18.09
CA TYR A 176 30.60 49.66 -17.56
C TYR A 176 31.86 49.45 -18.35
N ILE A 177 32.36 48.22 -18.46
CA ILE A 177 33.68 48.06 -19.05
C ILE A 177 33.61 48.28 -20.55
N LEU A 178 32.49 47.95 -21.19
CA LEU A 178 32.28 48.41 -22.58
C LEU A 178 32.49 49.90 -22.76
N ALA A 179 31.96 50.71 -21.84
CA ALA A 179 32.18 52.15 -21.88
C ALA A 179 33.66 52.52 -21.75
N LYS A 180 34.40 51.78 -20.92
CA LYS A 180 35.81 52.04 -20.70
C LYS A 180 36.69 51.73 -21.91
N LEU A 181 36.20 50.95 -22.87
CA LEU A 181 36.96 50.62 -24.03
C LEU A 181 36.77 51.58 -25.17
N GLN A 182 35.59 52.16 -25.27
CA GLN A 182 35.32 53.12 -26.33
C GLN A 182 36.25 54.30 -26.16
N GLY A 183 36.95 54.66 -27.23
CA GLY A 183 37.86 55.80 -27.24
C GLY A 183 38.91 55.74 -26.13
N GLU A 184 39.47 54.56 -25.90
CA GLU A 184 40.50 54.36 -24.86
C GLU A 184 40.12 54.91 -23.49
N SER B 3 -1.34 -15.11 8.40
CA SER B 3 -2.63 -14.38 8.70
C SER B 3 -3.06 -13.55 7.48
N HIS B 4 -4.34 -13.16 7.46
CA HIS B 4 -4.95 -12.41 6.35
C HIS B 4 -4.92 -10.90 6.64
N HIS B 5 -4.39 -10.13 5.67
CA HIS B 5 -4.20 -8.69 5.78
C HIS B 5 -3.75 -8.12 4.42
N HIS B 6 -3.87 -6.80 4.26
CA HIS B 6 -3.39 -6.09 3.07
C HIS B 6 -3.20 -4.60 3.37
N HIS B 7 -2.47 -3.93 2.47
CA HIS B 7 -2.32 -2.48 2.51
C HIS B 7 -2.03 -1.93 1.13
N HIS B 8 -2.19 -0.62 1.00
CA HIS B 8 -1.90 0.05 -0.27
C HIS B 8 -1.52 1.49 0.03
N HIS B 9 -0.61 2.04 -0.78
CA HIS B 9 -0.14 3.41 -0.60
C HIS B 9 0.27 3.92 -1.96
N SER B 10 0.25 5.24 -2.14
CA SER B 10 0.67 5.77 -3.43
C SER B 10 2.18 5.66 -3.55
N ASP B 11 2.61 5.00 -4.62
CA ASP B 11 4.00 4.86 -4.97
C ASP B 11 4.16 5.77 -6.18
N GLN B 12 5.12 6.68 -6.10
CA GLN B 12 5.32 7.68 -7.16
C GLN B 12 3.96 8.33 -7.45
N MET B 13 3.46 8.21 -8.68
CA MET B 13 2.20 8.71 -9.09
C MET B 13 1.29 7.55 -9.48
N VAL B 14 1.62 6.35 -8.99
CA VAL B 14 0.83 5.12 -9.21
C VAL B 14 0.47 4.54 -7.84
N LYS B 15 -0.37 3.53 -7.79
CA LYS B 15 -0.79 2.99 -6.50
C LYS B 15 -0.23 1.59 -6.35
N TYR B 16 0.41 1.34 -5.21
CA TYR B 16 0.92 0.01 -4.87
C TYR B 16 -0.02 -0.62 -3.89
N PHE B 17 -0.39 -1.87 -4.17
CA PHE B 17 -1.13 -2.70 -3.22
C PHE B 17 -0.34 -3.95 -2.89
N LEU B 18 -0.30 -4.30 -1.60
CA LEU B 18 0.32 -5.53 -1.15
C LEU B 18 -0.66 -6.25 -0.24
N GLY B 19 -0.93 -7.52 -0.53
CA GLY B 19 -1.86 -8.31 0.29
C GLY B 19 -1.42 -9.75 0.50
N GLN B 20 -1.72 -10.29 1.68
CA GLN B 20 -1.40 -11.68 2.00
C GLN B 20 -2.61 -12.49 2.41
N SER B 21 -2.76 -13.65 1.78
CA SER B 21 -3.86 -14.55 2.09
C SER B 21 -3.39 -15.98 2.17
N VAL B 22 -4.11 -16.81 2.91
CA VAL B 22 -3.78 -18.24 3.04
C VAL B 22 -5.02 -19.08 2.81
N LEU B 23 -4.90 -20.14 2.01
CA LEU B 23 -6.00 -21.05 1.79
C LEU B 23 -5.81 -22.29 2.67
N ARG B 24 -6.94 -22.74 3.22
CA ARG B 24 -6.94 -23.80 4.13
C ARG B 24 -6.99 -25.17 3.37
N SER B 25 -6.04 -25.38 2.45
CA SER B 25 -5.92 -26.59 1.64
C SER B 25 -4.46 -26.84 1.35
N SER B 26 -4.11 -28.03 0.87
CA SER B 26 -2.71 -28.36 0.54
C SER B 26 -2.32 -27.70 -0.77
N TRP B 27 -1.02 -27.56 -1.01
CA TRP B 27 -0.55 -26.87 -2.21
C TRP B 27 -0.92 -27.52 -3.55
N ASP B 28 -0.86 -28.85 -3.62
CA ASP B 28 -1.16 -29.55 -4.87
C ASP B 28 -2.59 -29.31 -5.32
N GLN B 29 -3.51 -29.31 -4.35
CA GLN B 29 -4.91 -29.10 -4.66
C GLN B 29 -5.16 -27.71 -5.25
N VAL B 30 -4.49 -26.71 -4.70
CA VAL B 30 -4.72 -25.33 -5.15
C VAL B 30 -4.11 -25.13 -6.52
N PHE B 31 -2.94 -25.72 -6.77
CA PHE B 31 -2.33 -25.64 -8.10
C PHE B 31 -3.28 -26.33 -9.10
N ALA B 32 -3.87 -27.45 -8.70
CA ALA B 32 -4.80 -28.19 -9.57
C ALA B 32 -6.16 -27.51 -9.71
N ALA B 33 -6.54 -26.78 -8.67
CA ALA B 33 -7.78 -26.02 -8.61
C ALA B 33 -7.67 -24.67 -9.29
N PHE B 34 -6.45 -24.19 -9.47
CA PHE B 34 -6.20 -22.93 -10.18
C PHE B 34 -6.62 -22.95 -11.67
N TRP B 35 -6.67 -24.14 -12.28
CA TRP B 35 -7.14 -24.24 -13.63
C TRP B 35 -8.63 -24.57 -13.72
N GLN B 36 -9.31 -24.60 -12.58
CA GLN B 36 -10.70 -25.06 -12.52
C GLN B 36 -11.67 -24.04 -11.97
N ARG B 37 -11.22 -23.21 -11.03
CA ARG B 37 -11.94 -22.03 -10.54
C ARG B 37 -12.96 -21.33 -11.43
N TYR B 38 -12.80 -21.43 -12.75
CA TYR B 38 -13.82 -20.91 -13.67
C TYR B 38 -14.65 -22.01 -14.36
N PRO B 39 -15.97 -21.97 -14.23
CA PRO B 39 -16.70 -20.92 -13.49
C PRO B 39 -16.77 -21.16 -12.00
N ASN B 40 -17.42 -20.23 -11.31
CA ASN B 40 -17.83 -20.40 -9.94
C ASN B 40 -18.88 -19.33 -9.63
N PRO B 41 -19.55 -19.38 -8.47
CA PRO B 41 -20.59 -18.39 -8.20
C PRO B 41 -20.14 -16.93 -8.11
N TYR B 42 -18.87 -16.72 -7.79
CA TYR B 42 -18.29 -15.38 -7.70
C TYR B 42 -17.56 -14.91 -9.01
N SER B 43 -17.46 -15.80 -10.00
CA SER B 43 -16.88 -15.48 -11.30
C SER B 43 -17.87 -14.88 -12.29
N LYS B 44 -19.05 -14.39 -11.86
CA LYS B 44 -20.07 -13.97 -12.84
C LYS B 44 -19.57 -12.94 -13.86
N HIS B 45 -18.48 -12.24 -13.53
CA HIS B 45 -17.92 -11.20 -14.40
C HIS B 45 -17.08 -11.75 -15.55
N VAL B 46 -16.26 -12.77 -15.31
CA VAL B 46 -15.51 -13.37 -16.45
C VAL B 46 -16.49 -13.97 -17.45
N LEU B 47 -16.13 -13.95 -18.72
CA LEU B 47 -16.99 -14.47 -19.79
C LEU B 47 -16.36 -15.66 -20.48
N THR B 48 -15.16 -15.48 -20.97
CA THR B 48 -14.41 -16.54 -21.57
C THR B 48 -13.18 -16.86 -20.75
N GLU B 49 -12.42 -17.84 -21.22
CA GLU B 49 -11.15 -18.25 -20.63
C GLU B 49 -10.54 -19.12 -21.70
N ASP B 50 -9.30 -18.84 -22.07
CA ASP B 50 -8.58 -19.70 -23.01
C ASP B 50 -7.12 -19.80 -22.64
N ILE B 51 -6.43 -20.72 -23.28
CA ILE B 51 -5.01 -20.83 -23.13
C ILE B 51 -4.45 -20.65 -24.51
N VAL B 52 -3.76 -19.54 -24.68
CA VAL B 52 -3.21 -19.20 -25.98
C VAL B 52 -1.77 -19.65 -26.14
N HIS B 53 -1.14 -20.04 -25.05
CA HIS B 53 0.19 -20.64 -25.13
C HIS B 53 0.54 -21.41 -23.87
N ARG B 54 1.17 -22.58 -24.05
CA ARG B 54 1.63 -23.43 -22.94
C ARG B 54 2.72 -24.38 -23.43
N GLU B 55 3.68 -24.67 -22.54
CA GLU B 55 4.80 -25.59 -22.84
C GLU B 55 5.52 -26.04 -21.56
N VAL B 56 6.28 -27.14 -21.68
CA VAL B 56 7.08 -27.68 -20.56
C VAL B 56 8.56 -27.41 -20.80
N THR B 57 9.16 -26.70 -19.85
CA THR B 57 10.55 -26.27 -19.92
C THR B 57 11.49 -27.46 -19.72
N PRO B 58 12.78 -27.30 -20.09
CA PRO B 58 13.80 -28.26 -19.65
C PRO B 58 13.73 -28.62 -18.15
N ASP B 59 13.73 -27.61 -17.28
CA ASP B 59 13.78 -27.80 -15.80
C ASP B 59 12.48 -28.33 -15.10
N GLN B 60 11.49 -28.76 -15.89
CA GLN B 60 10.23 -29.35 -15.41
C GLN B 60 9.39 -28.35 -14.60
N LYS B 61 9.33 -27.12 -15.11
CA LYS B 61 8.30 -26.13 -14.85
C LYS B 61 7.30 -26.01 -16.00
N LEU B 62 6.05 -25.73 -15.66
CA LEU B 62 5.05 -25.45 -16.65
C LEU B 62 4.81 -23.95 -16.80
N LEU B 63 5.10 -23.48 -18.01
CA LEU B 63 4.89 -22.09 -18.43
C LEU B 63 3.58 -22.01 -19.15
N SER B 64 2.61 -21.30 -18.57
CA SER B 64 1.29 -21.15 -19.17
C SER B 64 0.95 -19.69 -19.39
N ARG B 65 0.20 -19.41 -20.45
CA ARG B 65 -0.39 -18.08 -20.68
C ARG B 65 -1.87 -18.26 -21.03
N ARG B 66 -2.75 -17.82 -20.14
CA ARG B 66 -4.19 -17.90 -20.39
C ARG B 66 -4.83 -16.50 -20.58
N LEU B 67 -5.90 -16.44 -21.37
CA LEU B 67 -6.52 -15.19 -21.77
C LEU B 67 -7.97 -15.18 -21.34
N LEU B 68 -8.29 -14.31 -20.39
CA LEU B 68 -9.66 -14.10 -19.94
C LEU B 68 -10.23 -12.87 -20.60
N THR B 69 -11.54 -12.75 -20.63
CA THR B 69 -12.20 -11.52 -21.05
C THR B 69 -13.33 -11.25 -20.10
N VAL B 70 -13.31 -10.10 -19.44
CA VAL B 70 -14.11 -9.87 -18.25
C VAL B 70 -15.02 -8.70 -18.52
N THR B 71 -16.11 -8.61 -17.79
CA THR B 71 -17.09 -7.53 -17.98
C THR B 71 -16.47 -6.22 -17.52
N ASN B 72 -16.59 -5.17 -18.33
CA ASN B 72 -16.21 -3.81 -17.92
C ASN B 72 -17.45 -3.04 -17.51
N ARG B 73 -17.71 -2.96 -16.22
CA ARG B 73 -18.72 -2.04 -15.72
C ARG B 73 -18.00 -0.94 -14.95
N MET B 74 -18.12 0.26 -15.50
CA MET B 74 -17.52 1.45 -14.95
C MET B 74 -18.59 2.15 -14.16
N PRO B 75 -18.21 3.13 -13.33
CA PRO B 75 -19.21 3.94 -12.63
C PRO B 75 -19.75 4.99 -13.58
N ARG B 76 -20.99 5.42 -13.34
CA ARG B 76 -21.74 6.18 -14.32
C ARG B 76 -21.14 7.56 -14.70
N TRP B 77 -20.42 8.21 -13.79
CA TRP B 77 -19.67 9.44 -14.17
C TRP B 77 -18.60 9.20 -15.23
N ALA B 78 -18.09 7.97 -15.30
CA ALA B 78 -17.00 7.62 -16.19
C ALA B 78 -17.42 7.11 -17.57
N GLU B 79 -18.69 6.83 -17.81
CA GLU B 79 -19.15 6.56 -19.17
C GLU B 79 -19.28 7.91 -19.85
N ARG B 80 -19.74 8.90 -19.09
CA ARG B 80 -19.84 10.26 -19.61
C ARG B 80 -18.49 10.74 -20.16
N LEU B 81 -17.43 10.56 -19.37
CA LEU B 81 -16.12 11.08 -19.75
C LEU B 81 -15.39 10.21 -20.74
N PHE B 82 -15.63 8.90 -20.70
CA PHE B 82 -14.99 8.00 -21.67
C PHE B 82 -16.07 7.13 -22.31
N PRO B 83 -16.87 7.73 -23.20
CA PRO B 83 -17.90 6.94 -23.88
C PRO B 83 -17.32 5.92 -24.88
N ALA B 84 -16.08 6.14 -25.35
CA ALA B 84 -15.43 5.14 -26.22
C ALA B 84 -15.20 3.77 -25.54
N ASN B 85 -14.96 3.78 -24.23
CA ASN B 85 -14.59 2.58 -23.49
C ASN B 85 -15.74 1.66 -23.11
N VAL B 86 -16.97 2.17 -23.03
CA VAL B 86 -18.11 1.38 -22.53
C VAL B 86 -18.43 0.19 -23.42
N ALA B 87 -18.10 0.30 -24.71
CA ALA B 87 -18.44 -0.71 -25.70
C ALA B 87 -17.70 -2.04 -25.54
N HIS B 88 -16.49 -2.00 -24.99
CA HIS B 88 -15.57 -3.12 -25.10
C HIS B 88 -15.34 -3.82 -23.78
N SER B 89 -15.36 -5.14 -23.82
CA SER B 89 -15.03 -5.94 -22.67
C SER B 89 -13.51 -5.89 -22.51
N VAL B 90 -13.06 -6.02 -21.27
CA VAL B 90 -11.63 -6.02 -20.93
C VAL B 90 -11.05 -7.39 -21.29
N TYR B 91 -9.88 -7.42 -21.92
CA TYR B 91 -9.15 -8.66 -22.17
C TYR B 91 -7.95 -8.66 -21.27
N VAL B 92 -7.74 -9.75 -20.59
CA VAL B 92 -6.73 -9.84 -19.59
C VAL B 92 -5.85 -11.02 -19.89
N LEU B 93 -4.56 -10.84 -19.72
CA LEU B 93 -3.59 -11.91 -19.84
C LEU B 93 -2.98 -12.05 -18.50
N GLU B 94 -2.90 -13.26 -17.96
CA GLU B 94 -2.01 -13.44 -16.84
C GLU B 94 -1.13 -14.64 -17.18
N ASP B 95 0.19 -14.42 -17.18
CA ASP B 95 1.15 -15.48 -17.40
C ASP B 95 1.43 -16.17 -16.09
N SER B 96 1.84 -17.42 -16.17
CA SER B 96 2.12 -18.15 -14.96
C SER B 96 3.17 -19.21 -15.19
N ILE B 97 3.95 -19.46 -14.15
CA ILE B 97 4.93 -20.54 -14.15
C ILE B 97 4.66 -21.36 -12.92
N VAL B 98 4.85 -22.65 -13.04
CA VAL B 98 4.62 -23.57 -11.94
C VAL B 98 5.90 -24.34 -11.69
N ASP B 99 6.38 -24.32 -10.46
CA ASP B 99 7.56 -25.07 -10.09
C ASP B 99 7.18 -26.20 -9.14
N PRO B 100 7.12 -27.43 -9.64
CA PRO B 100 6.78 -28.61 -8.85
C PRO B 100 7.83 -28.95 -7.79
N GLN B 101 9.10 -28.84 -8.15
CA GLN B 101 10.19 -29.17 -7.24
C GLN B 101 10.25 -28.29 -6.02
N ASN B 102 10.03 -27.00 -6.22
CA ASN B 102 10.10 -26.03 -5.11
C ASN B 102 8.73 -25.75 -4.56
N GLN B 103 7.72 -26.43 -5.12
CA GLN B 103 6.32 -26.34 -4.68
C GLN B 103 5.81 -24.89 -4.68
N THR B 104 6.15 -24.16 -5.72
CA THR B 104 5.73 -22.78 -5.83
C THR B 104 5.25 -22.43 -7.24
N MET B 105 4.32 -21.51 -7.31
CA MET B 105 3.82 -21.03 -8.58
C MET B 105 3.68 -19.53 -8.54
N THR B 106 4.07 -18.87 -9.64
CA THR B 106 3.95 -17.41 -9.70
C THR B 106 3.10 -16.97 -10.87
N THR B 107 2.36 -15.89 -10.67
CA THR B 107 1.40 -15.46 -11.65
C THR B 107 1.51 -13.97 -11.90
N PHE B 108 1.49 -13.57 -13.16
CA PHE B 108 1.47 -12.16 -13.46
C PHE B 108 0.27 -11.85 -14.33
N THR B 109 -0.57 -10.92 -13.89
CA THR B 109 -1.75 -10.60 -14.64
C THR B 109 -1.94 -9.11 -14.87
N TRP B 110 -2.36 -8.75 -16.08
CA TRP B 110 -2.64 -7.35 -16.42
C TRP B 110 -3.56 -7.25 -17.63
N ASN B 111 -4.24 -6.14 -17.77
CA ASN B 111 -5.14 -5.93 -18.91
C ASN B 111 -4.39 -5.44 -20.11
N ILE B 112 -4.86 -5.84 -21.28
CA ILE B 112 -4.23 -5.46 -22.54
C ILE B 112 -5.11 -4.65 -23.48
N ASN B 113 -6.33 -4.36 -23.08
CA ASN B 113 -7.05 -3.24 -23.71
C ASN B 113 -7.47 -2.29 -22.59
N HIS B 114 -8.09 -1.17 -22.95
CA HIS B 114 -8.22 -0.01 -22.07
C HIS B 114 -6.86 0.49 -21.53
N ALA B 115 -5.76 0.14 -22.20
CA ALA B 115 -4.43 0.52 -21.76
C ALA B 115 -4.28 2.03 -21.62
N ARG B 116 -4.92 2.78 -22.52
CA ARG B 116 -4.92 4.23 -22.46
C ARG B 116 -5.66 4.79 -21.23
N LEU B 117 -6.69 4.11 -20.73
CA LEU B 117 -7.47 4.62 -19.61
C LEU B 117 -6.86 4.27 -18.25
N MET B 118 -6.63 2.99 -18.04
CA MET B 118 -6.09 2.49 -16.78
C MET B 118 -5.32 1.21 -17.00
N VAL B 119 -4.29 0.95 -16.19
CA VAL B 119 -3.66 -0.39 -16.21
C VAL B 119 -3.46 -0.94 -14.81
N VAL B 120 -4.01 -2.12 -14.56
CA VAL B 120 -3.77 -2.83 -13.32
C VAL B 120 -2.91 -4.03 -13.61
N GLU B 121 -1.93 -4.22 -12.74
CA GLU B 121 -1.02 -5.34 -12.84
C GLU B 121 -0.84 -5.97 -11.47
N GLU B 122 -0.81 -7.30 -11.44
CA GLU B 122 -0.77 -8.07 -10.20
C GLU B 122 0.23 -9.20 -10.36
N ARG B 123 1.18 -9.28 -9.41
CA ARG B 123 2.09 -10.43 -9.35
C ARG B 123 1.79 -11.17 -8.06
N SER B 124 1.11 -12.33 -8.15
CA SER B 124 0.92 -13.20 -6.98
C SER B 124 1.83 -14.43 -7.03
N VAL B 125 2.32 -14.84 -5.86
CA VAL B 125 3.10 -16.06 -5.71
C VAL B 125 2.42 -16.97 -4.65
N TYR B 126 2.17 -18.22 -5.05
CA TYR B 126 1.53 -19.22 -4.22
C TYR B 126 2.61 -20.15 -3.71
N SER B 127 2.75 -20.27 -2.40
CA SER B 127 3.81 -21.09 -1.84
C SER B 127 3.33 -21.84 -0.63
N VAL B 128 4.03 -22.89 -0.25
CA VAL B 128 3.61 -23.79 0.82
C VAL B 128 3.81 -23.02 2.10
N ASN B 129 2.87 -23.12 3.02
CA ASN B 129 2.95 -22.41 4.27
C ASN B 129 4.11 -22.93 5.14
N SER B 130 4.74 -22.02 5.89
CA SER B 130 5.71 -22.37 6.91
C SER B 130 5.10 -22.58 8.30
N ASP B 131 4.09 -21.80 8.65
CA ASP B 131 3.32 -22.00 9.88
C ASP B 131 2.63 -23.36 10.02
N ASN B 132 2.01 -23.88 8.97
CA ASN B 132 1.21 -25.11 9.07
C ASN B 132 1.78 -26.34 8.36
N SER B 133 2.13 -26.20 7.07
CA SER B 133 2.61 -27.32 6.21
C SER B 133 1.52 -28.21 5.60
N GLY B 134 0.25 -27.94 5.91
CA GLY B 134 -0.87 -28.51 5.14
C GLY B 134 -1.70 -27.40 4.51
N TRP B 135 -1.07 -26.23 4.37
CA TRP B 135 -1.71 -25.02 3.94
C TRP B 135 -0.87 -24.26 2.97
N THR B 136 -1.52 -23.46 2.15
CA THR B 136 -0.84 -22.68 1.13
C THR B 136 -0.93 -21.19 1.44
N GLU B 137 0.22 -20.52 1.40
CA GLU B 137 0.33 -19.10 1.66
C GLU B 137 0.41 -18.40 0.32
N ILE B 138 -0.41 -17.37 0.14
CA ILE B 138 -0.42 -16.62 -1.09
C ILE B 138 0.02 -15.17 -0.88
N ARG B 139 1.02 -14.74 -1.64
CA ARG B 139 1.51 -13.36 -1.58
C ARG B 139 1.18 -12.68 -2.88
N ARG B 140 0.55 -11.52 -2.81
CA ARG B 140 0.13 -10.81 -4.01
C ARG B 140 0.32 -9.29 -3.92
N GLU B 141 1.04 -8.75 -4.88
CA GLU B 141 1.33 -7.32 -4.95
C GLU B 141 0.81 -6.81 -6.29
N ALA B 142 0.41 -5.53 -6.29
CA ALA B 142 -0.28 -4.98 -7.42
C ALA B 142 0.02 -3.51 -7.61
N TRP B 143 -0.14 -3.07 -8.85
CA TRP B 143 0.10 -1.69 -9.25
C TRP B 143 -1.02 -1.18 -10.11
N VAL B 144 -1.76 -0.15 -9.69
CA VAL B 144 -2.74 0.50 -10.58
C VAL B 144 -2.22 1.84 -11.06
N SER B 145 -2.06 1.95 -12.38
CA SER B 145 -1.49 3.12 -13.06
C SER B 145 -2.54 3.76 -13.97
N SER B 146 -2.22 4.93 -14.52
CA SER B 146 -3.08 5.59 -15.51
C SER B 146 -2.36 6.61 -16.40
N SER B 147 -2.59 6.48 -17.70
CA SER B 147 -2.05 7.37 -18.73
C SER B 147 -2.54 8.79 -18.60
N LEU B 148 -3.65 8.96 -17.88
CA LEU B 148 -4.24 10.26 -17.70
C LEU B 148 -3.36 11.23 -16.91
N PHE B 149 -2.59 10.73 -15.96
CA PHE B 149 -1.65 11.60 -15.23
C PHE B 149 -0.67 12.26 -16.19
N GLY B 150 -0.14 11.48 -17.13
CA GLY B 150 0.79 12.01 -18.12
C GLY B 150 0.18 13.10 -18.97
N VAL B 151 -1.03 12.87 -19.45
CA VAL B 151 -1.68 13.86 -20.30
C VAL B 151 -1.98 15.11 -19.47
N SER B 152 -2.44 14.94 -18.23
CA SER B 152 -2.72 16.10 -17.38
C SER B 152 -1.48 16.97 -17.38
N ARG B 153 -0.29 16.36 -17.35
CA ARG B 153 0.94 17.14 -17.49
C ARG B 153 1.11 17.72 -18.89
N ALA B 154 0.93 16.92 -19.95
CA ALA B 154 0.97 17.46 -21.33
C ALA B 154 0.04 18.66 -21.55
N VAL B 155 -1.23 18.49 -21.20
CA VAL B 155 -2.22 19.57 -21.26
C VAL B 155 -1.76 20.78 -20.46
N GLN B 156 -1.07 20.57 -19.35
CA GLN B 156 -0.51 21.69 -18.61
C GLN B 156 0.70 22.29 -19.32
N GLU B 157 1.58 21.44 -19.83
CA GLU B 157 2.80 21.93 -20.51
C GLU B 157 2.43 22.73 -21.76
N PHE B 158 1.58 22.17 -22.60
CA PHE B 158 1.05 22.90 -23.74
C PHE B 158 0.32 24.18 -23.35
N GLY B 159 -0.47 24.14 -22.31
CA GLY B 159 -1.20 25.34 -21.86
C GLY B 159 -0.29 26.47 -21.44
N LEU B 160 0.82 26.11 -20.80
CA LEU B 160 1.84 27.06 -20.45
C LEU B 160 2.56 27.59 -21.68
N ALA B 161 3.01 26.71 -22.55
CA ALA B 161 3.65 27.11 -23.82
C ALA B 161 2.85 28.16 -24.55
N ARG B 162 1.58 27.88 -24.78
CA ARG B 162 0.75 28.78 -25.57
C ARG B 162 0.55 30.08 -24.85
N PHE B 163 0.56 30.05 -23.54
CA PHE B 163 0.56 31.29 -22.78
C PHE B 163 1.80 32.18 -23.03
N LYS B 164 2.97 31.59 -22.98
CA LYS B 164 4.20 32.32 -23.27
C LYS B 164 4.19 32.92 -24.67
N SER B 165 3.79 32.17 -25.69
CA SER B 165 3.75 32.72 -27.04
C SER B 165 2.72 33.85 -27.12
N ASN B 166 1.55 33.61 -26.56
CA ASN B 166 0.54 34.65 -26.46
C ASN B 166 0.99 35.90 -25.71
N VAL B 167 1.92 35.78 -24.77
CA VAL B 167 2.42 36.97 -24.07
C VAL B 167 3.44 37.79 -24.90
N THR B 168 4.23 37.12 -25.73
CA THR B 168 5.12 37.87 -26.62
C THR B 168 4.26 38.63 -27.62
N LYS B 169 3.28 37.96 -28.19
CA LYS B 169 2.39 38.61 -29.13
C LYS B 169 1.65 39.78 -28.54
N THR B 170 1.34 39.77 -27.24
CA THR B 170 0.74 40.98 -26.65
C THR B 170 1.77 42.11 -26.57
N MET B 171 2.97 41.79 -26.06
CA MET B 171 4.01 42.81 -25.94
C MET B 171 4.45 43.32 -27.32
N LYS B 172 4.87 42.43 -28.22
CA LYS B 172 5.16 42.80 -29.64
C LYS B 172 3.97 43.30 -30.46
N GLY B 173 2.76 43.28 -29.91
CA GLY B 173 1.65 44.01 -30.50
C GLY B 173 1.39 45.29 -29.75
N PHE B 174 1.96 45.42 -28.55
CA PHE B 174 1.78 46.61 -27.72
C PHE B 174 2.74 47.66 -28.23
N GLU B 175 4.03 47.33 -28.30
CA GLU B 175 5.04 48.27 -28.81
C GLU B 175 4.63 48.92 -30.15
N TYR B 176 3.82 48.20 -30.93
CA TYR B 176 3.42 48.58 -32.27
C TYR B 176 2.34 49.65 -32.27
N ILE B 177 1.31 49.50 -31.45
CA ILE B 177 0.31 50.55 -31.29
C ILE B 177 0.96 51.83 -30.72
N LEU B 178 1.82 51.67 -29.73
CA LEU B 178 2.62 52.79 -29.23
C LEU B 178 3.38 53.52 -30.33
N ALA B 179 3.90 52.78 -31.30
CA ALA B 179 4.59 53.38 -32.47
C ALA B 179 3.64 54.18 -33.36
N LYS B 180 2.41 53.72 -33.53
CA LYS B 180 1.44 54.44 -34.35
C LYS B 180 0.85 55.71 -33.73
N LEU B 181 0.75 55.77 -32.40
CA LEU B 181 0.37 57.02 -31.73
C LEU B 181 1.52 58.01 -31.54
N GLN B 182 2.73 57.51 -31.32
CA GLN B 182 3.87 58.40 -31.14
C GLN B 182 4.14 59.18 -32.43
N GLY B 183 3.46 58.80 -33.50
CA GLY B 183 3.60 59.45 -34.79
C GLY B 183 4.31 58.44 -35.66
N GLU B 184 5.35 57.85 -35.06
CA GLU B 184 6.14 56.81 -35.68
N ASP C 12 -24.02 -25.71 -19.45
CA ASP C 12 -24.26 -26.45 -18.16
C ASP C 12 -23.33 -25.99 -17.03
N ASP C 13 -22.05 -26.39 -17.13
CA ASP C 13 -21.08 -26.22 -16.03
C ASP C 13 -19.71 -25.69 -16.47
N LYS C 14 -19.19 -26.06 -17.65
CA LYS C 14 -17.82 -25.68 -18.04
C LYS C 14 -17.78 -24.27 -18.63
N MET C 15 -16.57 -23.81 -18.97
CA MET C 15 -16.34 -22.41 -19.34
C MET C 15 -16.31 -22.19 -20.86
N ASN C 16 -16.96 -21.12 -21.32
CA ASN C 16 -16.95 -20.77 -22.75
C ASN C 16 -15.55 -20.35 -23.23
N SER C 17 -15.41 -19.92 -24.47
CA SER C 17 -14.11 -19.62 -25.08
C SER C 17 -14.24 -18.40 -26.01
N VAL C 18 -13.15 -17.96 -26.61
CA VAL C 18 -13.23 -16.76 -27.47
C VAL C 18 -13.66 -17.15 -28.87
N GLY C 19 -13.03 -18.18 -29.43
CA GLY C 19 -13.52 -18.81 -30.64
C GLY C 19 -14.75 -19.59 -30.22
N GLU C 20 -15.94 -19.07 -30.56
CA GLU C 20 -17.22 -19.67 -30.17
C GLU C 20 -17.34 -21.13 -30.60
N ALA C 21 -16.72 -21.47 -31.74
CA ALA C 21 -16.59 -22.86 -32.20
C ALA C 21 -15.72 -23.70 -31.24
N CYS C 22 -14.51 -23.19 -31.01
CA CYS C 22 -13.49 -23.90 -30.23
C CYS C 22 -13.89 -24.21 -28.79
N THR C 23 -14.96 -23.60 -28.25
CA THR C 23 -15.51 -24.02 -26.94
C THR C 23 -15.68 -25.53 -26.92
N ASP C 24 -16.32 -26.04 -27.98
CA ASP C 24 -16.36 -27.47 -28.29
C ASP C 24 -14.95 -28.07 -28.16
N MET C 25 -14.02 -27.64 -29.02
CA MET C 25 -12.63 -28.14 -29.00
C MET C 25 -11.86 -27.92 -27.68
N LYS C 26 -12.31 -26.96 -26.86
CA LYS C 26 -11.57 -26.51 -25.67
C LYS C 26 -11.71 -27.47 -24.53
N ARG C 27 -12.97 -27.76 -24.17
CA ARG C 27 -13.33 -28.31 -22.86
C ARG C 27 -12.88 -29.75 -22.59
N GLU C 28 -12.55 -30.48 -23.63
CA GLU C 28 -12.04 -31.84 -23.50
C GLU C 28 -10.54 -31.79 -23.25
N TYR C 29 -9.82 -30.94 -23.97
CA TYR C 29 -8.39 -30.69 -23.71
C TYR C 29 -8.18 -30.20 -22.26
N ASP C 30 -9.05 -29.30 -21.81
CA ASP C 30 -9.02 -28.82 -20.43
C ASP C 30 -9.08 -30.00 -19.43
N GLN C 31 -10.12 -30.82 -19.53
CA GLN C 31 -10.29 -31.96 -18.62
C GLN C 31 -9.15 -32.98 -18.78
N CYS C 32 -8.60 -33.11 -19.99
CA CYS C 32 -7.40 -33.92 -20.24
C CYS C 32 -6.26 -33.42 -19.40
N PHE C 33 -6.00 -32.12 -19.53
CA PHE C 33 -4.85 -31.49 -18.91
C PHE C 33 -4.92 -31.62 -17.39
N ASN C 34 -6.11 -31.46 -16.81
CA ASN C 34 -6.24 -31.56 -15.37
C ASN C 34 -5.88 -32.94 -14.88
N ARG C 35 -6.47 -33.95 -15.51
CA ARG C 35 -6.15 -35.36 -15.26
C ARG C 35 -4.64 -35.55 -15.41
N TRP C 36 -4.07 -34.93 -16.46
CA TRP C 36 -2.63 -34.91 -16.63
C TRP C 36 -2.05 -34.18 -15.39
N PHE C 37 -2.10 -32.85 -15.39
CA PHE C 37 -1.52 -32.00 -14.32
C PHE C 37 -1.42 -32.70 -12.97
N ALA C 38 -2.55 -33.20 -12.47
CA ALA C 38 -2.68 -33.65 -11.09
C ALA C 38 -2.09 -35.03 -10.84
N GLU C 39 -2.39 -35.99 -11.73
CA GLU C 39 -2.02 -37.39 -11.49
C GLU C 39 -0.50 -37.60 -11.33
N LYS C 40 0.26 -36.96 -12.21
CA LYS C 40 1.65 -37.37 -12.45
C LYS C 40 2.67 -36.27 -12.85
N PHE C 41 2.20 -35.02 -13.02
CA PHE C 41 3.10 -33.88 -13.18
C PHE C 41 3.38 -33.29 -11.82
N LEU C 42 2.32 -32.85 -11.13
CA LEU C 42 2.45 -32.28 -9.78
C LEU C 42 3.07 -33.35 -8.87
N LYS C 43 2.56 -34.58 -8.96
CA LYS C 43 3.14 -35.71 -8.24
C LYS C 43 4.28 -36.29 -9.09
N GLY C 44 5.51 -35.88 -8.81
CA GLY C 44 6.69 -36.51 -9.38
C GLY C 44 6.89 -36.23 -10.85
N ASP C 45 7.39 -37.22 -11.58
CA ASP C 45 7.72 -37.10 -13.01
C ASP C 45 7.05 -38.26 -13.75
N SER C 46 6.30 -37.95 -14.79
CA SER C 46 5.75 -38.98 -15.66
C SER C 46 6.47 -38.99 -16.98
N SER C 47 6.87 -37.78 -17.44
CA SER C 47 7.67 -37.55 -18.65
C SER C 47 6.96 -37.82 -19.99
N GLY C 48 5.64 -37.99 -19.97
CA GLY C 48 4.85 -38.24 -21.17
C GLY C 48 3.61 -37.39 -21.15
N ASP C 49 3.32 -36.71 -22.28
CA ASP C 49 2.15 -35.84 -22.39
C ASP C 49 1.15 -36.32 -23.44
N PRO C 50 0.08 -37.03 -23.01
CA PRO C 50 -0.96 -37.43 -23.95
C PRO C 50 -1.91 -36.33 -24.45
N CYS C 51 -1.77 -35.09 -23.95
CA CYS C 51 -2.70 -33.99 -24.30
C CYS C 51 -2.22 -33.13 -25.48
N THR C 52 -0.92 -33.18 -25.81
CA THR C 52 -0.35 -32.35 -26.88
C THR C 52 -1.12 -32.52 -28.19
N ASP C 53 -1.42 -33.77 -28.52
CA ASP C 53 -2.11 -34.11 -29.78
C ASP C 53 -3.34 -33.22 -29.99
N LEU C 54 -4.12 -33.07 -28.93
CA LEU C 54 -5.38 -32.35 -29.00
C LEU C 54 -5.16 -30.84 -28.87
N PHE C 55 -4.18 -30.46 -28.05
CA PHE C 55 -3.83 -29.04 -27.85
C PHE C 55 -3.64 -28.31 -29.18
N LYS C 56 -2.80 -28.85 -30.05
CA LYS C 56 -2.50 -28.21 -31.35
C LYS C 56 -3.68 -27.87 -32.27
N ARG C 57 -4.69 -28.74 -32.34
CA ARG C 57 -5.96 -28.41 -33.04
C ARG C 57 -6.79 -27.36 -32.30
N TYR C 58 -6.90 -27.57 -30.98
CA TYR C 58 -7.64 -26.65 -30.09
C TYR C 58 -7.11 -25.28 -30.35
N GLN C 59 -5.84 -25.08 -30.08
CA GLN C 59 -5.34 -23.73 -30.06
C GLN C 59 -5.06 -23.17 -31.45
N GLN C 60 -4.77 -24.01 -32.43
CA GLN C 60 -4.77 -23.53 -33.84
C GLN C 60 -6.15 -22.98 -34.28
N CYS C 61 -7.21 -23.40 -33.57
CA CYS C 61 -8.57 -22.88 -33.77
C CYS C 61 -8.77 -21.52 -33.10
N VAL C 62 -8.20 -21.31 -31.90
CA VAL C 62 -8.20 -19.97 -31.27
C VAL C 62 -7.19 -19.02 -31.92
N GLN C 63 -6.08 -19.54 -32.44
CA GLN C 63 -5.15 -18.70 -33.20
C GLN C 63 -5.83 -18.11 -34.41
N LYS C 64 -6.81 -18.81 -34.98
CA LYS C 64 -7.70 -18.18 -35.95
C LYS C 64 -8.51 -17.11 -35.24
N ALA C 65 -9.16 -17.51 -34.15
CA ALA C 65 -10.14 -16.64 -33.45
C ALA C 65 -9.59 -15.28 -33.02
N ILE C 66 -8.40 -15.29 -32.40
CA ILE C 66 -7.81 -14.07 -31.85
C ILE C 66 -7.41 -13.07 -32.92
N LYS C 67 -7.18 -13.54 -34.15
CA LYS C 67 -6.91 -12.64 -35.28
C LYS C 67 -8.21 -12.03 -35.78
N GLU C 68 -9.25 -12.84 -35.95
CA GLU C 68 -10.54 -12.35 -36.46
C GLU C 68 -11.26 -11.40 -35.51
N LYS C 69 -10.95 -11.46 -34.21
CA LYS C 69 -11.45 -10.47 -33.22
C LYS C 69 -10.37 -9.44 -32.85
N GLU C 70 -9.23 -9.49 -33.53
CA GLU C 70 -8.05 -8.64 -33.30
C GLU C 70 -7.83 -8.26 -31.85
N ILE C 71 -7.45 -9.26 -31.04
CA ILE C 71 -7.01 -9.06 -29.67
C ILE C 71 -5.48 -9.02 -29.77
N PRO C 72 -4.84 -8.06 -29.06
CA PRO C 72 -3.41 -7.77 -29.31
C PRO C 72 -2.41 -8.58 -28.48
N ILE C 73 -2.54 -9.91 -28.48
CA ILE C 73 -1.62 -10.77 -27.73
C ILE C 73 -0.16 -10.71 -28.24
N GLU C 74 0.04 -10.78 -29.57
CA GLU C 74 1.38 -10.80 -30.13
C GLU C 74 2.06 -9.46 -29.84
N GLY C 75 3.35 -9.51 -29.52
CA GLY C 75 4.13 -8.32 -29.21
C GLY C 75 4.39 -8.12 -27.73
N LEU C 76 3.85 -9.02 -26.90
CA LEU C 76 4.04 -8.99 -25.45
C LEU C 76 4.87 -10.18 -25.07
N GLU C 77 5.57 -10.06 -23.97
CA GLU C 77 6.51 -11.09 -23.57
C GLU C 77 6.20 -11.55 -22.18
N PHE C 78 6.74 -12.72 -21.86
CA PHE C 78 6.48 -13.35 -20.58
C PHE C 78 6.76 -12.49 -19.37
N MET C 79 5.84 -12.47 -18.42
CA MET C 79 5.97 -11.63 -17.21
C MET C 79 5.90 -10.15 -17.54
N GLY C 80 6.62 -9.34 -16.78
CA GLY C 80 6.64 -7.90 -16.93
C GLY C 80 7.75 -7.37 -17.84
N HIS C 81 8.51 -8.27 -18.45
CA HIS C 81 9.62 -7.87 -19.31
C HIS C 81 9.04 -7.14 -20.51
N GLY C 82 7.89 -7.61 -21.00
CA GLY C 82 7.16 -6.94 -22.09
C GLY C 82 6.53 -5.62 -21.69
N LYS C 83 5.63 -5.66 -20.71
CA LYS C 83 4.92 -4.47 -20.20
C LYS C 83 4.87 -4.49 -18.67
N GLU C 84 5.86 -3.83 -18.04
CA GLU C 84 6.10 -3.91 -16.57
C GLU C 84 5.19 -3.02 -15.72
N LYS C 85 4.96 -1.77 -16.14
CA LYS C 85 3.87 -0.95 -15.65
C LYS C 85 3.14 -0.37 -16.84
N ASP D 13 10.79 -9.34 32.16
CA ASP D 13 9.36 -9.07 32.52
C ASP D 13 9.00 -7.58 32.72
N LYS D 14 9.87 -6.81 33.38
CA LYS D 14 9.62 -5.39 33.67
C LYS D 14 10.06 -4.56 32.45
N MET D 15 9.17 -3.64 32.06
CA MET D 15 9.35 -2.83 30.84
C MET D 15 10.27 -1.60 31.00
N ASN D 16 10.30 -1.07 32.22
CA ASN D 16 11.04 0.16 32.61
C ASN D 16 10.16 1.37 32.33
N SER D 17 10.58 2.54 32.81
CA SER D 17 9.83 3.76 32.50
C SER D 17 10.78 4.92 32.29
N VAL D 18 10.25 6.01 31.72
CA VAL D 18 11.07 7.21 31.50
C VAL D 18 11.79 7.63 32.79
N GLY D 19 11.08 7.60 33.93
CA GLY D 19 11.69 7.75 35.24
C GLY D 19 12.03 6.40 35.84
N GLU D 20 13.34 6.06 35.90
CA GLU D 20 13.82 4.80 36.51
C GLU D 20 13.35 4.63 37.95
N ALA D 21 13.23 5.75 38.66
CA ALA D 21 12.64 5.81 40.01
C ALA D 21 11.33 5.07 40.10
N CYS D 22 10.47 5.25 39.09
CA CYS D 22 9.11 4.71 39.10
C CYS D 22 8.86 3.62 38.06
N THR D 23 9.79 2.67 37.98
CA THR D 23 9.69 1.51 37.08
C THR D 23 8.87 0.43 37.77
N ASP D 24 9.38 -0.07 38.88
CA ASP D 24 8.61 -1.00 39.70
C ASP D 24 7.27 -0.36 40.04
N MET D 25 7.27 0.96 40.24
CA MET D 25 6.07 1.65 40.59
C MET D 25 4.96 1.44 39.56
N LYS D 26 5.28 1.61 38.27
CA LYS D 26 4.28 1.43 37.21
C LYS D 26 3.73 0.02 37.30
N ARG D 27 4.66 -0.95 37.35
CA ARG D 27 4.32 -2.36 37.52
C ARG D 27 3.22 -2.64 38.59
N GLU D 28 3.10 -1.78 39.60
CA GLU D 28 2.00 -1.85 40.57
C GLU D 28 0.71 -1.27 40.00
N TYR D 29 0.77 -0.05 39.45
CA TYR D 29 -0.42 0.58 38.82
C TYR D 29 -0.90 -0.26 37.66
N ASP D 30 0.04 -0.80 36.89
CA ASP D 30 -0.28 -1.64 35.75
C ASP D 30 -1.18 -2.77 36.22
N GLN D 31 -0.62 -3.72 36.97
CA GLN D 31 -1.38 -4.91 37.40
C GLN D 31 -2.74 -4.54 38.01
N CYS D 32 -2.81 -3.41 38.73
CA CYS D 32 -4.08 -2.88 39.23
C CYS D 32 -5.04 -2.61 38.07
N PHE D 33 -4.59 -1.79 37.15
CA PHE D 33 -5.45 -1.25 36.10
C PHE D 33 -6.04 -2.35 35.20
N ASN D 34 -5.27 -3.38 34.88
CA ASN D 34 -5.76 -4.49 34.06
C ASN D 34 -6.86 -5.24 34.73
N ARG D 35 -6.63 -5.60 36.00
CA ARG D 35 -7.64 -6.31 36.77
C ARG D 35 -8.88 -5.46 36.73
N TRP D 36 -8.72 -4.18 37.01
CA TRP D 36 -9.86 -3.29 36.93
C TRP D 36 -10.42 -3.20 35.52
N PHE D 37 -9.53 -3.09 34.54
CA PHE D 37 -9.96 -2.90 33.17
C PHE D 37 -10.73 -4.12 32.69
N ALA D 38 -10.12 -5.28 32.87
CA ALA D 38 -10.65 -6.56 32.38
C ALA D 38 -11.88 -7.06 33.14
N GLU D 39 -11.86 -7.00 34.48
CA GLU D 39 -12.95 -7.57 35.29
C GLU D 39 -14.24 -6.77 35.20
N LYS D 40 -14.17 -5.45 35.34
CA LYS D 40 -15.37 -4.62 35.50
C LYS D 40 -15.40 -3.32 34.71
N PHE D 41 -14.74 -3.29 33.56
CA PHE D 41 -14.88 -2.14 32.65
C PHE D 41 -15.45 -2.53 31.29
N LEU D 42 -14.99 -3.67 30.77
CA LEU D 42 -15.59 -4.24 29.56
C LEU D 42 -16.91 -4.93 29.87
N LYS D 43 -16.95 -5.68 30.98
CA LYS D 43 -18.15 -6.36 31.44
C LYS D 43 -19.29 -5.35 31.67
N GLY D 44 -18.95 -4.16 32.15
CA GLY D 44 -19.90 -3.09 32.38
C GLY D 44 -19.28 -2.12 33.38
N ASP D 45 -19.71 -0.86 33.31
CA ASP D 45 -19.11 0.25 34.08
C ASP D 45 -18.90 -0.04 35.57
N SER D 46 -19.86 -0.75 36.17
CA SER D 46 -19.82 -1.15 37.57
C SER D 46 -19.53 0.06 38.48
N SER D 47 -18.58 -0.06 39.41
CA SER D 47 -18.23 1.04 40.31
C SER D 47 -17.10 1.90 39.73
N GLY D 48 -16.58 2.84 40.53
CA GLY D 48 -15.46 3.69 40.12
C GLY D 48 -14.09 3.01 40.16
N ASP D 49 -13.04 3.79 39.88
CA ASP D 49 -11.67 3.25 39.76
C ASP D 49 -10.94 3.25 41.10
N PRO D 50 -10.38 2.09 41.51
CA PRO D 50 -9.63 1.99 42.76
C PRO D 50 -8.13 2.36 42.66
N CYS D 51 -7.59 2.36 41.45
CA CYS D 51 -6.17 2.58 41.24
C CYS D 51 -5.77 4.06 41.35
N THR D 52 -6.75 4.97 41.58
CA THR D 52 -6.49 6.41 41.61
C THR D 52 -5.57 6.80 42.77
N ASP D 53 -5.73 6.13 43.92
CA ASP D 53 -4.86 6.36 45.07
C ASP D 53 -3.39 5.98 44.76
N LEU D 54 -3.17 5.08 43.80
CA LEU D 54 -1.81 4.73 43.37
C LEU D 54 -1.41 5.58 42.16
N PHE D 55 -2.38 5.78 41.27
CA PHE D 55 -2.18 6.53 40.04
C PHE D 55 -1.74 7.97 40.26
N LYS D 56 -2.30 8.62 41.28
CA LYS D 56 -1.92 9.98 41.62
C LYS D 56 -0.43 10.06 41.97
N ARG D 57 0.03 9.09 42.75
CA ARG D 57 1.43 9.01 43.13
C ARG D 57 2.30 8.79 41.90
N TYR D 58 1.84 7.93 41.00
CA TYR D 58 2.60 7.60 39.77
C TYR D 58 2.78 8.77 38.77
N GLN D 59 1.72 9.54 38.55
CA GLN D 59 1.67 10.64 37.59
C GLN D 59 2.60 11.76 38.01
N GLN D 60 2.61 12.08 39.29
CA GLN D 60 3.49 13.13 39.79
C GLN D 60 4.94 12.73 39.55
N CYS D 61 5.26 11.49 39.87
CA CYS D 61 6.63 11.00 39.69
C CYS D 61 7.04 11.08 38.22
N VAL D 62 6.13 10.66 37.34
CA VAL D 62 6.39 10.69 35.92
C VAL D 62 6.57 12.11 35.38
N GLN D 63 5.75 13.05 35.84
CA GLN D 63 5.85 14.41 35.32
C GLN D 63 7.24 14.96 35.63
N LYS D 64 7.72 14.65 36.83
CA LYS D 64 9.04 15.09 37.27
C LYS D 64 10.13 14.55 36.34
N ALA D 65 10.07 13.25 36.03
CA ALA D 65 11.06 12.61 35.16
C ALA D 65 11.08 13.15 33.73
N ILE D 66 9.94 13.64 33.22
CA ILE D 66 9.90 14.20 31.85
C ILE D 66 10.52 15.59 31.75
N LYS D 67 10.27 16.43 32.76
CA LYS D 67 10.88 17.75 32.80
C LYS D 67 12.38 17.61 32.95
N GLU D 68 12.84 16.53 33.60
CA GLU D 68 14.29 16.20 33.67
C GLU D 68 14.87 15.84 32.30
N LYS D 69 14.04 15.28 31.44
CA LYS D 69 14.46 14.89 30.09
C LYS D 69 13.92 15.87 29.03
N GLU D 70 13.21 16.91 29.47
CA GLU D 70 12.69 17.98 28.60
C GLU D 70 11.89 17.42 27.42
N ILE D 71 10.93 16.55 27.72
CA ILE D 71 10.15 15.84 26.72
C ILE D 71 9.00 16.77 26.33
N PRO D 72 8.80 17.03 25.00
CA PRO D 72 7.98 18.16 24.50
C PRO D 72 6.60 18.36 25.12
N ILE D 73 5.61 17.53 24.79
CA ILE D 73 4.22 17.67 25.33
C ILE D 73 3.71 19.11 25.67
N GLU D 74 3.50 19.93 24.64
CA GLU D 74 2.91 21.26 24.85
C GLU D 74 1.39 21.12 25.04
N GLY D 75 0.99 20.32 26.04
CA GLY D 75 -0.41 19.95 26.27
C GLY D 75 -1.26 19.59 25.04
N LEU D 76 -0.59 19.02 24.03
CA LEU D 76 -1.12 18.89 22.66
C LEU D 76 -2.58 18.44 22.56
N GLU D 77 -3.31 19.03 21.62
CA GLU D 77 -4.70 18.67 21.40
C GLU D 77 -4.78 17.15 21.30
N PHE D 78 -5.76 16.60 22.03
CA PHE D 78 -6.01 15.17 22.03
C PHE D 78 -6.33 14.65 20.62
N MET D 79 -5.70 13.54 20.23
CA MET D 79 -5.72 13.03 18.85
C MET D 79 -5.01 13.97 17.86
N GLY D 80 -3.95 14.63 18.34
CA GLY D 80 -3.22 15.63 17.56
C GLY D 80 -3.88 16.99 17.59
#